data_8DNX
#
_entry.id   8DNX
#
_cell.length_a   1.00
_cell.length_b   1.00
_cell.length_c   1.00
_cell.angle_alpha   90.00
_cell.angle_beta   90.00
_cell.angle_gamma   90.00
#
_symmetry.space_group_name_H-M   'P 1'
#
loop_
_entity.id
_entity.type
_entity.pdbx_description
1 polymer 'Protein transport protein Sec61 subunit gamma'
2 polymer 'Protein transport protein Sec61 subunit beta'
3 polymer 'Protein transport protein Sec61 subunit alpha isoform 1'
4 polymer 'Cotransin analogue peptide inhibitor'
#
loop_
_entity_poly.entity_id
_entity_poly.type
_entity_poly.pdbx_seq_one_letter_code
_entity_poly.pdbx_strand_id
1 'polypeptide(L)' MDQVMQFVEPSRQFVKDSIRLVKRCTKPDRKEFQKIAMATAIGFAIMGFIGFFVKLIHIPINNIIVGG B
2 'polypeptide(L)'
;MPGPTPSGTNVGSSGRSPSKAVAARAAGSTVRQRKNASCGTRSAGRTTSAGTGGMWRFYTEDSPGLKVGPVPVLVMSLLF
IASVFMLHIWGKYTRS
;
C
3 'polypeptide(L)'
;MAIKFLEVIKPFCVILPEIQKPERKIQFKEKVLWTAITLFIFLVCCQIPLFGIMSSDSADPFYWMRVILASNRGTLMELG
ISPIVTSGLIMQLLAGAKIIEVGDTPKDRALFNGAQKLFGMIITIGQSIVYVMTGMYGDPSEMGAGICLLITIQLFVAGL
IVLLLDELLQKGYGLGSGISLFIATNICETIVWKAFSPTTVNTGRGMEFEGAIIALFHLLATRTDKVRALREAFYRQNLP
NLMNLIATIFVFAVVIYFQGFRYELPIRSTKVRGQIGIYPIKLFYTSNIPIILQSALVSNLYVISQMLSARFSGNLLVSL
LGTWSDTSSGGPARAYPVGGLCYYLSPPESFGSVLEDPVHAVVYIVFMLGSCAFFSKTWIEVSGSSPRDIAKQFKDQGMV
INGKRETSIYRELKKIIPTAAAFGGLCIGALSVLADFLGAIGSGTGILLAVTIIYQYFEIFVKEQSEVGSMGALLF
;
A
4 'polypeptide(L)' (T09)(MLE)L(SZF)L(MAA)(SZR) D
#
# COMPACT_ATOMS: atom_id res chain seq x y z
N GLN A 6 -34.94 -5.84 -15.41
CA GLN A 6 -34.86 -7.27 -15.13
C GLN A 6 -33.55 -7.62 -14.43
N PHE A 7 -33.07 -6.70 -13.60
CA PHE A 7 -31.83 -6.91 -12.86
C PHE A 7 -32.03 -7.63 -11.54
N VAL A 8 -33.28 -7.82 -11.11
CA VAL A 8 -33.53 -8.47 -9.83
C VAL A 8 -33.11 -9.93 -9.88
N GLU A 9 -33.42 -10.62 -10.98
CA GLU A 9 -33.06 -12.04 -11.08
C GLU A 9 -31.55 -12.27 -11.07
N PRO A 10 -30.73 -11.51 -11.81
CA PRO A 10 -29.27 -11.68 -11.64
C PRO A 10 -28.80 -11.45 -10.22
N SER A 11 -29.38 -10.45 -9.53
CA SER A 11 -28.97 -10.19 -8.15
C SER A 11 -29.34 -11.36 -7.24
N ARG A 12 -30.54 -11.92 -7.42
CA ARG A 12 -30.93 -13.06 -6.60
C ARG A 12 -30.05 -14.27 -6.89
N GLN A 13 -29.72 -14.49 -8.16
CA GLN A 13 -28.82 -15.59 -8.50
C GLN A 13 -27.45 -15.39 -7.87
N PHE A 14 -26.93 -14.16 -7.91
CA PHE A 14 -25.64 -13.87 -7.30
C PHE A 14 -25.69 -14.10 -5.79
N VAL A 15 -26.78 -13.69 -5.15
CA VAL A 15 -26.92 -13.88 -3.71
C VAL A 15 -26.95 -15.37 -3.37
N LYS A 16 -27.70 -16.15 -4.14
CA LYS A 16 -27.76 -17.59 -3.89
C LYS A 16 -26.41 -18.25 -4.08
N ASP A 17 -25.70 -17.88 -5.15
CA ASP A 17 -24.37 -18.45 -5.40
C ASP A 17 -23.40 -18.07 -4.29
N SER A 18 -23.44 -16.81 -3.83
CA SER A 18 -22.57 -16.39 -2.75
C SER A 18 -22.89 -17.13 -1.46
N ILE A 19 -24.18 -17.35 -1.17
CA ILE A 19 -24.55 -18.09 0.03
C ILE A 19 -24.03 -19.51 -0.03
N ARG A 20 -24.20 -20.18 -1.18
CA ARG A 20 -23.67 -21.53 -1.33
C ARG A 20 -22.16 -21.55 -1.17
N LEU A 21 -21.46 -20.59 -1.79
CA LEU A 21 -20.01 -20.53 -1.70
C LEU A 21 -19.55 -20.36 -0.25
N VAL A 22 -20.19 -19.44 0.48
CA VAL A 22 -19.79 -19.20 1.87
C VAL A 22 -20.08 -20.41 2.73
N LYS A 23 -21.24 -21.03 2.55
CA LYS A 23 -21.55 -22.23 3.32
C LYS A 23 -20.64 -23.39 2.98
N ARG A 24 -20.03 -23.37 1.79
CA ARG A 24 -19.13 -24.43 1.38
C ARG A 24 -17.65 -24.06 1.52
N CYS A 25 -17.34 -22.80 1.81
CA CYS A 25 -15.96 -22.43 2.11
C CYS A 25 -15.51 -23.04 3.42
N THR A 26 -14.18 -23.14 3.58
CA THR A 26 -13.58 -23.67 4.81
C THR A 26 -13.21 -22.48 5.71
N LYS A 27 -14.06 -22.23 6.70
CA LYS A 27 -13.80 -21.13 7.63
C LYS A 27 -12.70 -21.50 8.61
N PRO A 28 -11.92 -20.52 9.06
CA PRO A 28 -10.88 -20.81 10.07
C PRO A 28 -11.48 -21.26 11.39
N ASP A 29 -10.78 -22.16 12.07
CA ASP A 29 -11.15 -22.55 13.42
C ASP A 29 -10.47 -21.63 14.41
N ARG A 30 -10.53 -21.97 15.70
CA ARG A 30 -9.88 -21.14 16.70
C ARG A 30 -8.37 -21.23 16.60
N LYS A 31 -7.84 -22.39 16.24
CA LYS A 31 -6.39 -22.55 16.14
C LYS A 31 -5.84 -21.81 14.93
N GLU A 32 -6.49 -21.96 13.77
CA GLU A 32 -6.06 -21.25 12.58
C GLU A 32 -6.20 -19.74 12.75
N PHE A 33 -7.32 -19.30 13.32
CA PHE A 33 -7.51 -17.87 13.55
C PHE A 33 -6.48 -17.34 14.54
N GLN A 34 -6.18 -18.11 15.59
CA GLN A 34 -5.19 -17.67 16.57
C GLN A 34 -3.81 -17.54 15.91
N LYS A 35 -3.45 -18.51 15.07
CA LYS A 35 -2.15 -18.44 14.40
C LYS A 35 -2.07 -17.26 13.45
N ILE A 36 -3.12 -17.05 12.66
CA ILE A 36 -3.10 -15.93 11.71
C ILE A 36 -3.09 -14.60 12.45
N ALA A 37 -3.86 -14.49 13.54
CA ALA A 37 -3.86 -13.27 14.33
C ALA A 37 -2.49 -13.00 14.93
N MET A 38 -1.85 -14.05 15.45
CA MET A 38 -0.51 -13.87 16.00
C MET A 38 0.48 -13.41 14.93
N ALA A 39 0.43 -14.04 13.75
CA ALA A 39 1.36 -13.65 12.68
C ALA A 39 1.13 -12.22 12.22
N THR A 40 -0.15 -11.84 12.03
CA THR A 40 -0.46 -10.49 11.61
C THR A 40 -0.07 -9.47 12.67
N ALA A 41 -0.30 -9.80 13.95
CA ALA A 41 0.09 -8.89 15.02
C ALA A 41 1.60 -8.74 15.08
N ILE A 42 2.34 -9.83 14.86
CA ILE A 42 3.80 -9.75 14.87
C ILE A 42 4.29 -8.88 13.73
N GLY A 43 3.75 -9.09 12.52
CA GLY A 43 4.16 -8.28 11.38
C GLY A 43 3.81 -6.82 11.55
N PHE A 44 2.60 -6.54 12.03
CA PHE A 44 2.19 -5.17 12.30
C PHE A 44 3.09 -4.53 13.36
N ALA A 45 3.39 -5.27 14.43
CA ALA A 45 4.26 -4.74 15.47
C ALA A 45 5.63 -4.41 14.90
N ILE A 46 6.22 -5.33 14.13
CA ILE A 46 7.52 -5.08 13.52
C ILE A 46 7.49 -3.79 12.72
N MET A 47 6.61 -3.74 11.70
CA MET A 47 6.62 -2.59 10.79
C MET A 47 6.28 -1.30 11.53
N GLY A 48 5.17 -1.30 12.27
CA GLY A 48 4.72 -0.08 12.92
C GLY A 48 5.66 0.43 13.98
N PHE A 49 6.23 -0.47 14.79
CA PHE A 49 7.10 -0.01 15.87
C PHE A 49 8.46 0.40 15.33
N ILE A 50 8.97 -0.27 14.29
CA ILE A 50 10.18 0.22 13.66
C ILE A 50 9.95 1.61 13.09
N GLY A 51 8.81 1.83 12.42
CA GLY A 51 8.51 3.15 11.91
C GLY A 51 8.36 4.20 13.01
N PHE A 52 7.67 3.83 14.08
CA PHE A 52 7.47 4.75 15.19
C PHE A 52 8.80 5.15 15.82
N PHE A 53 9.68 4.17 16.06
CA PHE A 53 10.95 4.49 16.67
C PHE A 53 11.85 5.28 15.73
N VAL A 54 11.82 4.97 14.43
CA VAL A 54 12.61 5.75 13.48
C VAL A 54 12.14 7.20 13.46
N LYS A 55 10.83 7.41 13.43
CA LYS A 55 10.30 8.77 13.45
C LYS A 55 10.66 9.50 14.74
N LEU A 56 10.57 8.79 15.88
CA LEU A 56 10.87 9.40 17.17
C LEU A 56 12.34 9.78 17.28
N ILE A 57 13.23 8.94 16.77
CA ILE A 57 14.65 9.29 16.74
C ILE A 57 14.90 10.47 15.80
N HIS A 58 14.21 10.49 14.66
CA HIS A 58 14.53 11.50 13.66
C HIS A 58 13.87 12.84 13.92
N ILE A 59 12.92 12.93 14.85
CA ILE A 59 12.35 14.23 15.18
C ILE A 59 13.43 15.16 15.74
N PRO A 60 14.16 14.81 16.80
CA PRO A 60 15.24 15.70 17.25
C PRO A 60 16.37 15.86 16.25
N ILE A 61 16.66 14.83 15.46
CA ILE A 61 17.72 14.95 14.45
C ILE A 61 17.31 15.93 13.37
N ASN A 62 16.07 15.85 12.88
CA ASN A 62 15.58 16.82 11.92
C ASN A 62 15.54 18.21 12.52
N ASN A 63 15.24 18.32 13.82
CA ASN A 63 15.30 19.62 14.47
C ASN A 63 16.71 20.18 14.46
N ILE A 64 17.69 19.33 14.74
CA ILE A 64 19.09 19.78 14.82
C ILE A 64 19.58 20.23 13.44
N ILE A 65 19.36 19.39 12.42
CA ILE A 65 19.89 19.71 11.09
C ILE A 65 19.04 20.72 10.34
N VAL A 66 17.84 21.01 10.82
CA VAL A 66 16.96 21.98 10.16
C VAL A 66 16.41 22.97 11.16
N GLY B 65 25.70 -4.58 -15.50
CA GLY B 65 26.64 -3.61 -14.96
C GLY B 65 27.27 -4.05 -13.66
N LEU B 66 27.43 -3.10 -12.74
CA LEU B 66 28.00 -3.39 -11.42
C LEU B 66 26.97 -4.16 -10.60
N LYS B 67 27.19 -5.46 -10.44
CA LYS B 67 26.23 -6.32 -9.75
C LYS B 67 26.63 -6.40 -8.28
N VAL B 68 26.01 -5.56 -7.47
CA VAL B 68 26.29 -5.49 -6.04
C VAL B 68 25.42 -6.50 -5.30
N GLY B 69 25.80 -6.77 -4.05
CA GLY B 69 25.00 -7.61 -3.19
C GLY B 69 24.08 -6.79 -2.31
N PRO B 70 23.59 -7.38 -1.22
CA PRO B 70 22.70 -6.63 -0.32
C PRO B 70 23.43 -5.68 0.61
N VAL B 71 24.60 -6.09 1.12
CA VAL B 71 25.39 -5.27 2.02
C VAL B 71 25.90 -4.03 1.29
N PRO B 72 26.39 -4.13 0.05
CA PRO B 72 26.70 -2.89 -0.69
C PRO B 72 25.49 -1.99 -0.84
N VAL B 73 24.29 -2.55 -1.01
CA VAL B 73 23.09 -1.72 -1.12
C VAL B 73 22.83 -0.98 0.19
N LEU B 74 22.96 -1.68 1.32
CA LEU B 74 22.82 -1.01 2.62
C LEU B 74 23.85 0.09 2.79
N VAL B 75 25.09 -0.18 2.39
CA VAL B 75 26.15 0.82 2.52
C VAL B 75 25.87 2.03 1.64
N MET B 76 25.41 1.80 0.40
CA MET B 76 25.07 2.91 -0.49
C MET B 76 23.92 3.73 0.06
N SER B 77 22.89 3.07 0.61
CA SER B 77 21.78 3.82 1.20
C SER B 77 22.24 4.65 2.38
N LEU B 78 23.06 4.08 3.25
CA LEU B 78 23.56 4.84 4.40
C LEU B 78 24.45 5.99 3.94
N LEU B 79 25.25 5.79 2.89
CA LEU B 79 26.09 6.86 2.39
C LEU B 79 25.27 7.97 1.77
N PHE B 80 24.17 7.65 1.09
CA PHE B 80 23.29 8.69 0.58
C PHE B 80 22.63 9.46 1.71
N ILE B 81 22.22 8.74 2.77
CA ILE B 81 21.64 9.41 3.93
C ILE B 81 22.66 10.36 4.56
N ALA B 82 23.89 9.89 4.72
CA ALA B 82 24.94 10.73 5.27
C ALA B 82 25.28 11.90 4.36
N SER B 83 25.18 11.70 3.04
CA SER B 83 25.40 12.79 2.10
C SER B 83 24.34 13.87 2.24
N VAL B 84 23.08 13.48 2.39
CA VAL B 84 22.02 14.47 2.61
C VAL B 84 22.21 15.19 3.94
N PHE B 85 22.60 14.44 4.99
CA PHE B 85 22.86 15.07 6.28
C PHE B 85 24.01 16.07 6.18
N MET B 86 25.06 15.70 5.45
CA MET B 86 26.20 16.59 5.28
C MET B 86 25.82 17.82 4.46
N LEU B 87 24.93 17.66 3.48
CA LEU B 87 24.42 18.81 2.75
C LEU B 87 23.68 19.76 3.68
N HIS B 88 22.83 19.21 4.55
CA HIS B 88 22.10 20.05 5.51
C HIS B 88 23.06 20.77 6.45
N ILE B 89 24.07 20.05 6.96
CA ILE B 89 25.02 20.65 7.89
C ILE B 89 25.85 21.73 7.20
N TRP B 90 26.30 21.46 5.98
CA TRP B 90 27.07 22.47 5.24
C TRP B 90 26.23 23.69 4.96
N GLY B 91 24.95 23.50 4.59
CA GLY B 91 24.08 24.65 4.39
C GLY B 91 23.89 25.46 5.66
N LYS B 92 23.71 24.78 6.79
CA LYS B 92 23.60 25.49 8.06
C LYS B 92 24.84 26.29 8.36
N TYR B 93 26.02 25.71 8.14
CA TYR B 93 27.25 26.39 8.51
C TYR B 93 27.57 27.54 7.56
N THR B 94 27.25 27.38 6.27
CA THR B 94 27.53 28.45 5.32
C THR B 94 26.52 29.59 5.41
N ARG B 95 25.25 29.30 5.69
CA ARG B 95 24.25 30.36 5.76
C ARG B 95 24.34 31.12 7.08
N SER B 96 24.64 30.43 8.17
CA SER B 96 24.71 31.07 9.48
C SER B 96 26.14 31.47 9.83
N PHE C 5 20.88 1.16 -32.47
CA PHE C 5 20.07 1.65 -31.35
C PHE C 5 20.34 0.83 -30.10
N LEU C 6 20.10 -0.48 -30.19
CA LEU C 6 20.34 -1.35 -29.03
C LEU C 6 21.81 -1.35 -28.65
N GLU C 7 22.70 -1.40 -29.63
CA GLU C 7 24.13 -1.38 -29.35
C GLU C 7 24.56 -0.08 -28.68
N VAL C 8 24.03 1.04 -29.15
CA VAL C 8 24.45 2.33 -28.60
C VAL C 8 23.80 2.61 -27.25
N ILE C 9 22.64 2.00 -26.94
CA ILE C 9 22.07 2.13 -25.60
C ILE C 9 22.56 1.05 -24.65
N LYS C 10 23.28 0.04 -25.14
CA LYS C 10 23.81 -1.00 -24.27
C LYS C 10 24.67 -0.47 -23.12
N PRO C 11 25.60 0.48 -23.30
CA PRO C 11 26.36 0.98 -22.15
C PRO C 11 25.49 1.72 -21.15
N PHE C 12 24.74 2.70 -21.64
CA PHE C 12 23.80 3.42 -20.79
C PHE C 12 22.83 2.46 -20.12
N CYS C 13 22.51 1.36 -20.78
CA CYS C 13 21.74 0.29 -20.15
C CYS C 13 22.52 -0.26 -18.95
N VAL C 14 23.66 -0.89 -19.20
CA VAL C 14 24.49 -1.40 -18.09
C VAL C 14 25.52 -0.32 -17.78
N ILE C 15 25.07 0.71 -17.06
CA ILE C 15 25.93 1.46 -16.15
C ILE C 15 25.39 1.51 -14.73
N LEU C 16 24.08 1.34 -14.52
CA LEU C 16 23.50 1.45 -13.18
C LEU C 16 23.70 0.16 -12.39
N PRO C 17 23.71 0.25 -11.06
CA PRO C 17 23.92 -0.95 -10.24
C PRO C 17 22.77 -1.94 -10.36
N GLU C 18 23.10 -3.21 -10.16
CA GLU C 18 22.14 -4.30 -10.22
C GLU C 18 22.39 -5.23 -9.04
N ILE C 19 21.35 -5.92 -8.59
CA ILE C 19 21.45 -6.81 -7.45
C ILE C 19 21.87 -8.20 -7.93
N GLN C 20 22.81 -8.80 -7.20
CA GLN C 20 23.27 -10.14 -7.52
C GLN C 20 22.32 -11.18 -6.95
N LYS C 21 21.98 -12.18 -7.77
CA LYS C 21 21.13 -13.25 -7.29
C LYS C 21 21.83 -14.02 -6.17
N PRO C 22 21.10 -14.47 -5.16
CA PRO C 22 21.76 -15.12 -4.01
C PRO C 22 22.48 -16.41 -4.38
N GLU C 23 22.11 -17.05 -5.49
CA GLU C 23 22.64 -18.31 -6.03
C GLU C 23 22.40 -19.46 -5.05
N ARG C 24 21.84 -19.13 -3.88
CA ARG C 24 21.41 -20.08 -2.87
C ARG C 24 19.92 -19.90 -2.64
N LYS C 25 19.40 -20.59 -1.64
CA LYS C 25 18.03 -20.41 -1.18
C LYS C 25 18.13 -19.82 0.22
N ILE C 26 17.89 -18.51 0.34
CA ILE C 26 18.05 -17.84 1.63
C ILE C 26 17.03 -18.38 2.62
N GLN C 27 17.49 -18.68 3.83
CA GLN C 27 16.60 -19.14 4.88
C GLN C 27 15.59 -18.06 5.23
N PHE C 28 14.42 -18.49 5.68
CA PHE C 28 13.36 -17.54 6.01
C PHE C 28 13.81 -16.54 7.07
N LYS C 29 14.68 -16.96 8.00
CA LYS C 29 15.13 -16.04 9.04
C LYS C 29 15.95 -14.91 8.43
N GLU C 30 16.91 -15.24 7.56
CA GLU C 30 17.71 -14.19 6.94
C GLU C 30 16.85 -13.32 6.03
N LYS C 31 15.84 -13.90 5.39
CA LYS C 31 14.93 -13.12 4.57
C LYS C 31 14.14 -12.13 5.42
N VAL C 32 13.70 -12.57 6.61
CA VAL C 32 12.99 -11.65 7.50
C VAL C 32 13.90 -10.53 7.97
N LEU C 33 15.15 -10.86 8.33
CA LEU C 33 16.08 -9.81 8.75
C LEU C 33 16.36 -8.83 7.63
N TRP C 34 16.52 -9.32 6.39
CA TRP C 34 16.78 -8.42 5.28
C TRP C 34 15.57 -7.58 4.91
N THR C 35 14.36 -8.14 5.05
CA THR C 35 13.16 -7.34 4.87
C THR C 35 13.07 -6.25 5.92
N ALA C 36 13.42 -6.58 7.17
CA ALA C 36 13.44 -5.58 8.23
C ALA C 36 14.45 -4.48 7.94
N ILE C 37 15.64 -4.87 7.45
CA ILE C 37 16.65 -3.87 7.10
C ILE C 37 16.16 -2.99 5.96
N THR C 38 15.51 -3.59 4.95
CA THR C 38 15.00 -2.80 3.83
C THR C 38 13.94 -1.80 4.29
N LEU C 39 12.99 -2.25 5.11
CA LEU C 39 11.97 -1.33 5.59
C LEU C 39 12.55 -0.29 6.54
N PHE C 40 13.61 -0.64 7.28
CA PHE C 40 14.29 0.34 8.11
C PHE C 40 14.94 1.42 7.26
N ILE C 41 15.60 1.03 6.17
CA ILE C 41 16.21 2.00 5.27
C ILE C 41 15.13 2.90 4.67
N PHE C 42 14.02 2.31 4.25
CA PHE C 42 12.92 3.09 3.68
C PHE C 42 12.37 4.09 4.71
N LEU C 43 12.19 3.65 5.95
CA LEU C 43 11.65 4.53 6.97
C LEU C 43 12.62 5.63 7.34
N VAL C 44 13.92 5.33 7.40
CA VAL C 44 14.91 6.36 7.67
C VAL C 44 14.91 7.40 6.56
N CYS C 45 14.85 6.95 5.31
CA CYS C 45 14.80 7.90 4.20
C CYS C 45 13.49 8.67 4.15
N CYS C 46 12.41 8.12 4.73
CA CYS C 46 11.13 8.81 4.78
C CYS C 46 11.10 9.93 5.81
N GLN C 47 12.09 10.02 6.70
CA GLN C 47 12.12 11.03 7.73
C GLN C 47 13.18 12.09 7.50
N ILE C 48 13.98 11.97 6.44
CA ILE C 48 15.09 12.88 6.18
C ILE C 48 14.64 13.89 5.12
N PRO C 49 14.54 15.17 5.44
CA PRO C 49 14.04 16.14 4.47
C PRO C 49 15.01 16.37 3.33
N LEU C 50 14.47 16.78 2.19
CA LEU C 50 15.28 17.17 1.06
C LEU C 50 16.03 18.47 1.37
N PHE C 51 17.20 18.62 0.75
CA PHE C 51 17.95 19.85 0.87
C PHE C 51 17.56 20.81 -0.24
N GLY C 52 17.25 22.05 0.14
CA GLY C 52 16.88 23.08 -0.81
C GLY C 52 15.43 23.47 -0.81
N ILE C 53 14.63 22.93 0.11
CA ILE C 53 13.21 23.27 0.18
C ILE C 53 13.07 24.68 0.76
N MET C 54 12.85 25.66 -0.11
CA MET C 54 12.74 27.04 0.35
C MET C 54 11.54 27.23 1.27
N SER C 55 10.40 26.63 0.93
CA SER C 55 9.22 26.70 1.78
C SER C 55 8.36 25.47 1.52
N SER C 56 7.84 24.88 2.59
CA SER C 56 7.01 23.69 2.51
C SER C 56 5.64 23.93 3.13
N ASP C 57 5.21 25.20 3.19
CA ASP C 57 3.93 25.57 3.77
C ASP C 57 2.78 25.46 2.78
N SER C 58 3.06 25.12 1.52
CA SER C 58 2.02 25.01 0.52
C SER C 58 1.17 23.77 0.77
N ALA C 59 0.00 23.73 0.14
CA ALA C 59 -0.88 22.57 0.21
C ALA C 59 -0.33 21.48 -0.69
N ASP C 60 -0.22 20.27 -0.16
CA ASP C 60 0.34 19.15 -0.90
C ASP C 60 -0.51 18.83 -2.12
N PRO C 61 -0.01 18.99 -3.34
CA PRO C 61 -0.80 18.63 -4.52
C PRO C 61 -1.14 17.15 -4.62
N PHE C 62 -0.27 16.27 -4.13
CA PHE C 62 -0.47 14.83 -4.22
C PHE C 62 -0.70 14.24 -2.84
N TYR C 63 -1.50 14.94 -2.03
CA TYR C 63 -1.77 14.46 -0.67
C TYR C 63 -2.52 13.14 -0.69
N TRP C 64 -3.47 12.98 -1.60
CA TRP C 64 -4.30 11.79 -1.64
C TRP C 64 -3.59 10.58 -2.20
N MET C 65 -2.43 10.76 -2.83
CA MET C 65 -1.67 9.64 -3.37
C MET C 65 -0.53 9.21 -2.46
N ARG C 66 -0.35 9.86 -1.31
CA ARG C 66 0.76 9.51 -0.42
C ARG C 66 0.59 8.11 0.15
N VAL C 67 -0.64 7.74 0.51
CA VAL C 67 -0.87 6.42 1.09
C VAL C 67 -0.63 5.32 0.05
N ILE C 68 -1.11 5.53 -1.17
CA ILE C 68 -0.98 4.50 -2.22
C ILE C 68 0.40 4.50 -2.87
N LEU C 69 1.20 5.55 -2.65
CA LEU C 69 2.55 5.59 -3.19
C LEU C 69 3.62 5.47 -2.10
N ALA C 70 3.21 5.30 -0.84
CA ALA C 70 4.15 5.20 0.28
C ALA C 70 5.10 6.39 0.32
N SER C 71 4.58 7.57 0.00
CA SER C 71 5.37 8.78 -0.10
C SER C 71 5.22 9.64 1.15
N ASN C 72 6.23 10.45 1.42
CA ASN C 72 6.19 11.45 2.46
C ASN C 72 6.66 12.76 1.87
N ARG C 73 5.86 13.81 2.02
CA ARG C 73 6.14 15.07 1.36
C ARG C 73 7.41 15.72 1.91
N GLY C 74 8.26 16.19 1.01
CA GLY C 74 9.42 16.96 1.38
C GLY C 74 10.60 16.17 1.90
N THR C 75 10.50 14.85 1.93
CA THR C 75 11.58 13.99 2.41
C THR C 75 12.25 13.31 1.22
N LEU C 76 13.21 12.44 1.52
CA LEU C 76 13.90 11.71 0.45
C LEU C 76 12.99 10.74 -0.27
N MET C 77 11.82 10.43 0.29
CA MET C 77 10.85 9.53 -0.33
C MET C 77 9.61 10.28 -0.81
N GLU C 78 9.84 11.45 -1.42
CA GLU C 78 8.73 12.19 -2.03
C GLU C 78 8.06 11.35 -3.10
N LEU C 79 8.84 10.65 -3.92
CA LEU C 79 8.28 9.82 -4.97
C LEU C 79 7.73 8.49 -4.43
N GLY C 80 8.35 7.94 -3.40
CA GLY C 80 7.83 6.72 -2.81
C GLY C 80 8.14 5.52 -3.67
N ILE C 81 7.11 4.74 -3.99
CA ILE C 81 7.25 3.53 -4.80
C ILE C 81 7.08 3.89 -6.27
N SER C 82 7.08 5.19 -6.57
CA SER C 82 6.93 5.62 -7.96
C SER C 82 7.99 5.06 -8.89
N PRO C 83 9.29 5.01 -8.52
CA PRO C 83 10.25 4.39 -9.45
C PRO C 83 9.95 2.94 -9.79
N ILE C 84 9.51 2.16 -8.81
CA ILE C 84 9.19 0.76 -9.05
C ILE C 84 8.04 0.63 -10.05
N VAL C 85 6.98 1.40 -9.81
CA VAL C 85 5.81 1.37 -10.68
C VAL C 85 6.19 1.84 -12.08
N THR C 86 6.98 2.90 -12.17
CA THR C 86 7.39 3.41 -13.48
C THR C 86 8.19 2.39 -14.25
N SER C 87 9.16 1.74 -13.59
CA SER C 87 9.97 0.74 -14.26
C SER C 87 9.12 -0.44 -14.71
N GLY C 88 8.23 -0.92 -13.84
CA GLY C 88 7.39 -2.05 -14.22
C GLY C 88 6.48 -1.74 -15.39
N LEU C 89 5.81 -0.59 -15.34
CA LEU C 89 4.91 -0.21 -16.43
C LEU C 89 5.66 0.04 -17.72
N ILE C 90 6.84 0.68 -17.67
CA ILE C 90 7.56 0.93 -18.91
C ILE C 90 8.10 -0.38 -19.49
N MET C 91 8.52 -1.30 -18.63
CA MET C 91 8.93 -2.62 -19.10
C MET C 91 7.78 -3.34 -19.78
N GLN C 92 6.60 -3.36 -19.14
CA GLN C 92 5.45 -4.01 -19.74
C GLN C 92 5.04 -3.35 -21.05
N LEU C 93 5.11 -2.02 -21.10
CA LEU C 93 4.72 -1.31 -22.31
C LEU C 93 5.67 -1.63 -23.46
N LEU C 94 6.98 -1.64 -23.21
CA LEU C 94 7.91 -1.92 -24.29
C LEU C 94 7.88 -3.39 -24.68
N ALA C 95 7.52 -4.28 -23.75
CA ALA C 95 7.37 -5.68 -24.10
C ALA C 95 6.12 -5.92 -24.95
N GLY C 96 5.00 -5.31 -24.56
CA GLY C 96 3.78 -5.45 -25.33
C GLY C 96 3.87 -4.80 -26.70
N ALA C 97 4.57 -3.66 -26.78
CA ALA C 97 4.80 -3.02 -28.07
C ALA C 97 5.75 -3.81 -28.95
N LYS C 98 6.39 -4.85 -28.43
CA LYS C 98 7.29 -5.71 -29.19
C LYS C 98 8.50 -4.94 -29.72
N ILE C 99 8.90 -3.89 -29.00
CA ILE C 99 10.10 -3.15 -29.38
C ILE C 99 11.33 -4.03 -29.19
N ILE C 100 11.45 -4.67 -28.04
CA ILE C 100 12.51 -5.62 -27.76
C ILE C 100 11.92 -6.81 -27.01
N GLU C 101 12.67 -7.91 -26.99
CA GLU C 101 12.22 -9.13 -26.33
C GLU C 101 12.85 -9.25 -24.94
N LYS C 107 21.35 -14.08 -23.93
CA LYS C 107 21.79 -13.11 -22.93
C LYS C 107 21.04 -11.78 -23.09
N ASP C 108 19.91 -11.83 -23.79
CA ASP C 108 19.09 -10.64 -23.99
C ASP C 108 18.42 -10.17 -22.70
N ARG C 109 18.37 -11.02 -21.68
CA ARG C 109 17.73 -10.64 -20.42
C ARG C 109 18.48 -9.50 -19.74
N ALA C 110 19.81 -9.55 -19.78
CA ALA C 110 20.61 -8.51 -19.14
C ALA C 110 20.35 -7.14 -19.76
N LEU C 111 20.27 -7.08 -21.09
CA LEU C 111 19.91 -5.83 -21.75
C LEU C 111 18.47 -5.43 -21.42
N PHE C 112 17.57 -6.40 -21.37
CA PHE C 112 16.16 -6.11 -21.09
C PHE C 112 15.98 -5.57 -19.68
N ASN C 113 16.58 -6.25 -18.69
CA ASN C 113 16.41 -5.82 -17.30
C ASN C 113 17.12 -4.50 -17.04
N GLY C 114 18.29 -4.29 -17.65
CA GLY C 114 18.98 -3.03 -17.49
C GLY C 114 18.25 -1.85 -18.13
N ALA C 115 17.59 -2.10 -19.27
CA ALA C 115 16.93 -1.01 -19.99
C ALA C 115 15.78 -0.43 -19.19
N GLN C 116 15.03 -1.28 -18.49
CA GLN C 116 13.93 -0.76 -17.67
C GLN C 116 14.46 0.10 -16.52
N LYS C 117 15.69 -0.14 -16.08
CA LYS C 117 16.29 0.74 -15.07
C LYS C 117 16.68 2.08 -15.69
N LEU C 118 17.30 2.06 -16.87
CA LEU C 118 17.68 3.30 -17.51
C LEU C 118 16.46 4.14 -17.90
N PHE C 119 15.50 3.51 -18.57
CA PHE C 119 14.28 4.23 -18.94
C PHE C 119 13.43 4.55 -17.72
N GLY C 120 13.41 3.66 -16.72
CA GLY C 120 12.63 3.92 -15.53
C GLY C 120 13.10 5.15 -14.76
N MET C 121 14.42 5.33 -14.68
CA MET C 121 14.95 6.50 -13.97
C MET C 121 14.89 7.76 -14.82
N ILE C 122 14.94 7.63 -16.15
CA ILE C 122 14.76 8.80 -17.01
C ILE C 122 13.37 9.38 -16.82
N ILE C 123 12.35 8.52 -16.79
CA ILE C 123 11.00 8.99 -16.46
C ILE C 123 10.93 9.46 -15.02
N THR C 124 11.67 8.80 -14.13
CA THR C 124 11.71 9.24 -12.73
C THR C 124 12.31 10.62 -12.61
N ILE C 125 13.35 10.92 -13.38
CA ILE C 125 13.89 12.28 -13.40
C ILE C 125 12.84 13.27 -13.88
N GLY C 126 12.11 12.91 -14.93
CA GLY C 126 11.04 13.77 -15.40
C GLY C 126 9.97 14.00 -14.36
N GLN C 127 9.65 12.96 -13.59
CA GLN C 127 8.68 13.11 -12.51
C GLN C 127 9.20 14.06 -11.43
N SER C 128 10.49 13.98 -11.11
CA SER C 128 11.05 14.87 -10.10
C SER C 128 11.01 16.32 -10.54
N ILE C 129 11.30 16.57 -11.81
CA ILE C 129 11.22 17.94 -12.33
C ILE C 129 9.80 18.45 -12.26
N VAL C 130 8.82 17.62 -12.63
CA VAL C 130 7.43 18.02 -12.53
C VAL C 130 7.05 18.32 -11.09
N TYR C 131 7.48 17.45 -10.17
CA TYR C 131 7.18 17.66 -8.75
C TYR C 131 7.73 18.99 -8.26
N VAL C 132 8.95 19.33 -8.67
CA VAL C 132 9.55 20.60 -8.28
C VAL C 132 8.75 21.77 -8.85
N MET C 133 8.26 21.63 -10.08
CA MET C 133 7.58 22.72 -10.76
C MET C 133 6.11 22.87 -10.34
N THR C 134 5.56 21.93 -9.56
CA THR C 134 4.17 22.05 -9.13
C THR C 134 3.95 23.13 -8.08
N GLY C 135 5.00 23.87 -7.70
CA GLY C 135 4.86 24.92 -6.72
C GLY C 135 5.23 24.54 -5.32
N MET C 136 5.37 23.25 -5.02
CA MET C 136 5.92 22.87 -3.72
C MET C 136 7.40 23.22 -3.69
N TYR C 137 8.00 23.06 -2.51
CA TYR C 137 9.41 23.34 -2.26
C TYR C 137 9.74 24.81 -2.43
N GLY C 138 8.73 25.67 -2.49
CA GLY C 138 8.94 27.07 -2.80
C GLY C 138 8.81 27.34 -4.28
N ASP C 139 8.91 28.63 -4.61
CA ASP C 139 8.82 29.05 -6.01
C ASP C 139 10.08 28.62 -6.74
N PRO C 140 9.98 27.80 -7.79
CA PRO C 140 11.20 27.35 -8.49
C PRO C 140 11.99 28.48 -9.11
N SER C 141 11.38 29.62 -9.39
CA SER C 141 12.13 30.77 -9.87
C SER C 141 12.97 31.40 -8.76
N GLU C 142 12.49 31.39 -7.53
CA GLU C 142 13.24 31.89 -6.39
C GLU C 142 14.18 30.84 -5.80
N MET C 143 14.04 29.59 -6.20
CA MET C 143 14.95 28.52 -5.78
C MET C 143 16.26 28.54 -6.56
N GLY C 144 16.22 28.96 -7.82
CA GLY C 144 17.38 28.91 -8.67
C GLY C 144 17.56 27.56 -9.34
N ALA C 145 18.33 27.57 -10.43
CA ALA C 145 18.60 26.33 -11.14
C ALA C 145 19.43 25.37 -10.30
N GLY C 146 20.36 25.91 -9.50
CA GLY C 146 21.23 25.05 -8.71
C GLY C 146 20.48 24.25 -7.66
N ILE C 147 19.59 24.92 -6.91
CA ILE C 147 18.86 24.23 -5.85
C ILE C 147 17.86 23.24 -6.43
N CYS C 148 17.19 23.63 -7.52
CA CYS C 148 16.27 22.71 -8.18
C CYS C 148 17.02 21.51 -8.75
N LEU C 149 18.19 21.75 -9.34
CA LEU C 149 19.00 20.64 -9.84
C LEU C 149 19.43 19.72 -8.71
N LEU C 150 19.80 20.29 -7.55
CA LEU C 150 20.20 19.47 -6.42
C LEU C 150 19.04 18.63 -5.89
N ILE C 151 17.85 19.23 -5.83
CA ILE C 151 16.67 18.47 -5.40
C ILE C 151 16.37 17.34 -6.38
N THR C 152 16.47 17.61 -7.68
CA THR C 152 16.25 16.58 -8.67
C THR C 152 17.27 15.46 -8.54
N ILE C 153 18.53 15.81 -8.27
CA ILE C 153 19.56 14.79 -8.08
C ILE C 153 19.26 13.94 -6.85
N GLN C 154 18.84 14.59 -5.75
CA GLN C 154 18.49 13.84 -4.55
C GLN C 154 17.35 12.89 -4.81
N LEU C 155 16.31 13.35 -5.51
CA LEU C 155 15.17 12.48 -5.79
C LEU C 155 15.56 11.35 -6.74
N PHE C 156 16.45 11.63 -7.70
CA PHE C 156 16.92 10.59 -8.61
C PHE C 156 17.68 9.51 -7.85
N VAL C 157 18.58 9.91 -6.95
CA VAL C 157 19.36 8.92 -6.20
C VAL C 157 18.45 8.15 -5.25
N ALA C 158 17.48 8.82 -4.64
CA ALA C 158 16.55 8.11 -3.76
C ALA C 158 15.69 7.12 -4.53
N GLY C 159 15.27 7.49 -5.74
CA GLY C 159 14.54 6.54 -6.57
C GLY C 159 15.40 5.36 -6.99
N LEU C 160 16.68 5.62 -7.26
CA LEU C 160 17.61 4.51 -7.54
C LEU C 160 17.71 3.58 -6.35
N ILE C 161 17.77 4.14 -5.14
CA ILE C 161 17.84 3.32 -3.93
C ILE C 161 16.56 2.52 -3.74
N VAL C 162 15.41 3.13 -4.03
CA VAL C 162 14.14 2.41 -3.95
C VAL C 162 14.12 1.25 -4.92
N LEU C 163 14.60 1.49 -6.15
CA LEU C 163 14.70 0.40 -7.13
C LEU C 163 15.61 -0.71 -6.63
N LEU C 164 16.75 -0.35 -6.04
CA LEU C 164 17.67 -1.36 -5.52
C LEU C 164 17.04 -2.17 -4.41
N LEU C 165 16.31 -1.51 -3.50
CA LEU C 165 15.67 -2.22 -2.40
C LEU C 165 14.58 -3.16 -2.92
N ASP C 166 13.75 -2.69 -3.85
CA ASP C 166 12.73 -3.56 -4.43
C ASP C 166 13.36 -4.74 -5.16
N GLU C 167 14.46 -4.50 -5.88
CA GLU C 167 15.16 -5.58 -6.56
C GLU C 167 15.74 -6.57 -5.55
N LEU C 168 16.28 -6.09 -4.43
CA LEU C 168 16.77 -6.98 -3.40
C LEU C 168 15.65 -7.90 -2.91
N LEU C 169 14.51 -7.29 -2.59
CA LEU C 169 13.36 -8.06 -2.10
C LEU C 169 12.88 -9.08 -3.14
N GLN C 170 12.83 -8.70 -4.41
CA GLN C 170 12.26 -9.55 -5.44
C GLN C 170 13.28 -10.48 -6.10
N LYS C 171 14.56 -10.33 -5.80
CA LYS C 171 15.58 -11.24 -6.28
C LYS C 171 16.01 -12.23 -5.21
N GLY C 172 15.66 -11.99 -3.96
CA GLY C 172 15.75 -13.11 -3.03
C GLY C 172 16.21 -12.84 -1.62
N TYR C 173 16.58 -11.59 -1.33
CA TYR C 173 16.92 -11.20 0.02
C TYR C 173 15.74 -10.53 0.71
N GLY C 174 14.52 -10.99 0.44
CA GLY C 174 13.37 -10.35 1.04
C GLY C 174 12.14 -11.23 0.91
N LEU C 175 11.06 -10.75 1.53
CA LEU C 175 9.82 -11.51 1.62
C LEU C 175 8.74 -11.00 0.66
N GLY C 176 9.14 -10.44 -0.47
CA GLY C 176 8.15 -10.04 -1.45
C GLY C 176 8.58 -8.91 -2.36
N SER C 177 7.75 -7.88 -2.46
CA SER C 177 7.99 -6.76 -3.33
C SER C 177 8.12 -5.48 -2.51
N GLY C 178 8.82 -4.50 -3.08
CA GLY C 178 8.96 -3.22 -2.41
C GLY C 178 7.65 -2.47 -2.28
N ILE C 179 6.77 -2.60 -3.28
CA ILE C 179 5.52 -1.85 -3.29
C ILE C 179 4.69 -2.19 -2.07
N SER C 180 4.34 -3.47 -1.92
CA SER C 180 3.49 -3.88 -0.80
C SER C 180 4.18 -3.62 0.54
N LEU C 181 5.47 -3.92 0.63
CA LEU C 181 6.18 -3.72 1.89
C LEU C 181 6.14 -2.27 2.32
N PHE C 182 6.42 -1.36 1.40
CA PHE C 182 6.50 0.06 1.75
C PHE C 182 5.12 0.62 2.05
N ILE C 183 4.10 0.22 1.30
CA ILE C 183 2.74 0.70 1.56
C ILE C 183 2.28 0.23 2.95
N ALA C 184 2.44 -1.07 3.23
CA ALA C 184 2.04 -1.59 4.52
C ALA C 184 2.86 -0.97 5.65
N THR C 185 4.15 -0.73 5.41
CA THR C 185 5.00 -0.13 6.43
C THR C 185 4.52 1.27 6.78
N ASN C 186 4.20 2.07 5.77
CA ASN C 186 3.70 3.41 6.04
C ASN C 186 2.38 3.37 6.78
N ILE C 187 1.48 2.46 6.39
CA ILE C 187 0.18 2.38 7.07
C ILE C 187 0.37 1.97 8.53
N CYS C 188 1.19 0.96 8.78
CA CYS C 188 1.42 0.50 10.15
C CYS C 188 2.11 1.57 10.99
N GLU C 189 3.07 2.28 10.39
CA GLU C 189 3.73 3.37 11.09
C GLU C 189 2.73 4.46 11.46
N THR C 190 1.81 4.79 10.55
CA THR C 190 0.79 5.79 10.85
C THR C 190 -0.10 5.35 12.00
N ILE C 191 -0.54 4.08 11.99
CA ILE C 191 -1.41 3.60 13.05
C ILE C 191 -0.69 3.62 14.39
N VAL C 192 0.56 3.12 14.42
CA VAL C 192 1.30 3.08 15.68
C VAL C 192 1.62 4.49 16.17
N TRP C 193 1.89 5.42 15.26
CA TRP C 193 2.09 6.81 15.67
C TRP C 193 0.83 7.38 16.30
N LYS C 194 -0.31 7.21 15.64
CA LYS C 194 -1.56 7.71 16.21
C LYS C 194 -1.91 7.03 17.52
N ALA C 195 -1.37 5.84 17.78
CA ALA C 195 -1.61 5.17 19.04
C ALA C 195 -0.62 5.54 20.15
N PHE C 196 0.62 5.90 19.80
CA PHE C 196 1.69 6.03 20.78
C PHE C 196 2.51 7.30 20.62
N SER C 197 2.03 8.29 19.88
CA SER C 197 2.84 9.48 19.65
C SER C 197 3.01 10.25 20.96
N PRO C 198 4.21 10.78 21.21
CA PRO C 198 4.42 11.67 22.36
C PRO C 198 4.12 13.14 22.08
N THR C 199 3.65 13.46 20.88
CA THR C 199 3.33 14.83 20.54
C THR C 199 2.20 15.35 21.43
N THR C 200 2.42 16.51 22.04
CA THR C 200 1.44 17.14 22.92
C THR C 200 1.06 18.49 22.33
N VAL C 201 -0.25 18.74 22.22
CA VAL C 201 -0.78 20.02 21.77
C VAL C 201 -1.43 20.70 22.97
N ASN C 202 -1.11 21.98 23.17
CA ASN C 202 -1.60 22.75 24.31
C ASN C 202 -2.63 23.76 23.80
N THR C 203 -3.88 23.31 23.70
CA THR C 203 -5.00 24.16 23.34
C THR C 203 -6.08 24.02 24.40
N GLY C 204 -6.49 25.14 24.98
CA GLY C 204 -7.53 25.10 26.00
C GLY C 204 -7.04 24.66 27.36
N ARG C 205 -7.40 23.43 27.74
CA ARG C 205 -7.09 22.94 29.08
C ARG C 205 -5.59 22.87 29.32
N GLY C 206 -4.85 22.24 28.42
CA GLY C 206 -3.42 22.09 28.61
C GLY C 206 -2.85 21.04 27.66
N MET C 207 -1.69 20.52 28.05
CA MET C 207 -1.02 19.51 27.23
C MET C 207 -1.87 18.25 27.12
N GLU C 208 -2.01 17.75 25.90
CA GLU C 208 -2.76 16.52 25.63
C GLU C 208 -1.95 15.69 24.65
N PHE C 209 -1.56 14.49 25.06
CA PHE C 209 -0.76 13.64 24.19
C PHE C 209 -1.58 13.18 23.00
N GLU C 210 -0.97 13.22 21.82
CA GLU C 210 -1.67 12.79 20.61
C GLU C 210 -1.89 11.28 20.61
N GLY C 211 -0.91 10.51 21.07
CA GLY C 211 -1.06 9.08 21.16
C GLY C 211 -2.19 8.66 22.07
N ALA C 212 -3.07 7.78 21.59
CA ALA C 212 -4.31 7.48 22.31
C ALA C 212 -4.02 6.81 23.65
N ILE C 213 -3.13 5.82 23.67
CA ILE C 213 -2.82 5.12 24.91
C ILE C 213 -2.01 6.01 25.85
N ILE C 214 -1.05 6.75 25.30
CA ILE C 214 -0.33 7.73 26.09
C ILE C 214 -1.30 8.78 26.62
N ALA C 215 -2.31 9.12 25.81
CA ALA C 215 -3.35 10.03 26.28
C ALA C 215 -4.12 9.43 27.45
N LEU C 216 -4.45 8.14 27.37
CA LEU C 216 -5.11 7.47 28.48
C LEU C 216 -4.30 7.62 29.77
N PHE C 217 -3.02 7.25 29.70
CA PHE C 217 -2.21 7.30 30.91
C PHE C 217 -2.04 8.73 31.42
N HIS C 218 -1.80 9.68 30.52
CA HIS C 218 -1.60 11.06 30.95
C HIS C 218 -2.87 11.64 31.58
N LEU C 219 -4.03 11.38 30.97
CA LEU C 219 -5.27 11.90 31.52
C LEU C 219 -5.58 11.27 32.87
N LEU C 220 -5.38 9.95 32.99
CA LEU C 220 -5.61 9.30 34.28
C LEU C 220 -4.69 9.86 35.36
N ALA C 221 -3.43 10.13 35.00
CA ALA C 221 -2.49 10.68 35.97
C ALA C 221 -2.87 12.10 36.37
N THR C 222 -3.25 12.93 35.40
CA THR C 222 -3.42 14.35 35.67
C THR C 222 -4.81 14.65 36.26
N ARG C 223 -5.86 14.29 35.53
CA ARG C 223 -7.23 14.67 35.91
C ARG C 223 -7.60 13.98 37.22
N THR C 224 -8.17 14.75 38.15
CA THR C 224 -8.61 14.18 39.41
C THR C 224 -9.83 13.28 39.22
N ASP C 225 -10.67 13.58 38.22
CA ASP C 225 -11.85 12.77 37.95
C ASP C 225 -11.45 11.66 37.00
N LYS C 226 -11.32 10.45 37.52
CA LYS C 226 -10.88 9.32 36.70
C LYS C 226 -11.89 9.00 35.61
N VAL C 227 -13.18 9.01 35.95
CA VAL C 227 -14.21 8.63 34.98
C VAL C 227 -14.26 9.62 33.84
N ARG C 228 -14.16 10.92 34.14
CA ARG C 228 -14.10 11.92 33.09
C ARG C 228 -12.85 11.74 32.23
N ALA C 229 -11.73 11.40 32.87
CA ALA C 229 -10.50 11.15 32.11
C ALA C 229 -10.68 9.95 31.18
N LEU C 230 -11.33 8.89 31.66
CA LEU C 230 -11.58 7.73 30.83
C LEU C 230 -12.49 8.07 29.66
N ARG C 231 -13.56 8.82 29.92
CA ARG C 231 -14.49 9.20 28.87
C ARG C 231 -13.81 10.08 27.82
N GLU C 232 -12.96 11.01 28.28
CA GLU C 232 -12.23 11.84 27.33
C GLU C 232 -11.25 11.01 26.51
N ALA C 233 -10.58 10.05 27.16
CA ALA C 233 -9.64 9.21 26.45
C ALA C 233 -10.33 8.36 25.39
N PHE C 234 -11.53 7.86 25.69
CA PHE C 234 -12.24 7.01 24.73
C PHE C 234 -13.08 7.79 23.72
N TYR C 235 -13.35 9.07 23.95
CA TYR C 235 -14.16 9.85 23.02
C TYR C 235 -13.53 11.20 22.70
N ARG C 236 -12.23 11.36 22.86
CA ARG C 236 -11.56 12.57 22.42
C ARG C 236 -11.70 12.73 20.91
N GLN C 237 -12.07 13.92 20.47
CA GLN C 237 -12.29 14.19 19.05
C GLN C 237 -11.17 15.01 18.41
N ASN C 238 -10.47 15.83 19.19
CA ASN C 238 -9.39 16.63 18.63
C ASN C 238 -8.27 15.74 18.12
N LEU C 239 -7.96 14.68 18.84
CA LEU C 239 -6.86 13.78 18.58
C LEU C 239 -7.36 12.34 18.65
N PRO C 240 -6.60 11.37 18.16
CA PRO C 240 -7.07 9.99 18.17
C PRO C 240 -7.43 9.51 19.57
N ASN C 241 -8.52 8.77 19.68
CA ASN C 241 -9.01 8.23 20.94
C ASN C 241 -8.87 6.71 20.95
N LEU C 242 -9.16 6.11 22.10
CA LEU C 242 -9.02 4.67 22.25
C LEU C 242 -10.13 3.92 21.52
N MET C 243 -11.27 4.57 21.31
CA MET C 243 -12.36 3.92 20.58
C MET C 243 -11.95 3.64 19.14
N ASN C 244 -11.20 4.57 18.53
CA ASN C 244 -10.66 4.33 17.20
C ASN C 244 -9.69 3.16 17.19
N LEU C 245 -8.87 3.03 18.24
CA LEU C 245 -7.97 1.89 18.33
C LEU C 245 -8.73 0.59 18.46
N ILE C 246 -9.80 0.58 19.26
CA ILE C 246 -10.60 -0.63 19.41
C ILE C 246 -11.28 -0.99 18.10
N ALA C 247 -11.76 0.02 17.36
CA ALA C 247 -12.32 -0.23 16.04
C ALA C 247 -11.26 -0.80 15.09
N THR C 248 -10.04 -0.27 15.16
CA THR C 248 -8.97 -0.79 14.31
C THR C 248 -8.66 -2.24 14.62
N ILE C 249 -8.61 -2.59 15.91
CA ILE C 249 -8.34 -3.97 16.29
C ILE C 249 -9.49 -4.88 15.83
N PHE C 250 -10.73 -4.42 15.98
CA PHE C 250 -11.87 -5.22 15.54
C PHE C 250 -11.85 -5.43 14.04
N VAL C 251 -11.48 -4.40 13.28
CA VAL C 251 -11.39 -4.54 11.83
C VAL C 251 -10.26 -5.48 11.44
N PHE C 252 -9.11 -5.38 12.11
CA PHE C 252 -8.06 -6.38 11.94
C PHE C 252 -8.61 -7.79 12.13
N ALA C 253 -9.35 -8.00 13.22
CA ALA C 253 -9.84 -9.34 13.53
C ALA C 253 -10.80 -9.83 12.45
N VAL C 254 -11.75 -9.00 12.02
CA VAL C 254 -12.73 -9.46 11.05
C VAL C 254 -12.09 -9.67 9.69
N VAL C 255 -11.17 -8.80 9.28
CA VAL C 255 -10.52 -8.99 7.99
C VAL C 255 -9.64 -10.22 8.01
N ILE C 256 -9.00 -10.52 9.14
CA ILE C 256 -8.23 -11.75 9.26
C ILE C 256 -9.15 -12.96 9.13
N TYR C 257 -10.30 -12.92 9.81
CA TYR C 257 -11.24 -14.03 9.74
C TYR C 257 -11.71 -14.27 8.32
N PHE C 258 -12.06 -13.20 7.60
CA PHE C 258 -12.53 -13.36 6.23
C PHE C 258 -11.40 -13.60 5.24
N GLN C 259 -10.16 -13.28 5.60
CA GLN C 259 -9.00 -13.60 4.79
C GLN C 259 -8.63 -15.07 4.90
N GLY C 260 -8.96 -15.70 6.03
CA GLY C 260 -8.77 -17.13 6.16
C GLY C 260 -9.79 -17.99 5.45
N PHE C 261 -10.85 -17.38 4.90
CA PHE C 261 -11.84 -18.14 4.14
C PHE C 261 -11.24 -18.66 2.85
N ARG C 262 -11.53 -19.92 2.52
CA ARG C 262 -11.05 -20.49 1.29
C ARG C 262 -11.92 -21.67 0.90
N TYR C 263 -12.04 -21.88 -0.41
CA TYR C 263 -12.69 -23.05 -0.96
C TYR C 263 -11.61 -24.03 -1.41
N GLU C 264 -11.65 -25.24 -0.90
CA GLU C 264 -10.60 -26.22 -1.11
C GLU C 264 -11.04 -27.23 -2.16
N LEU C 265 -10.49 -27.11 -3.37
CA LEU C 265 -10.73 -28.09 -4.41
C LEU C 265 -9.89 -29.34 -4.18
N PRO C 266 -10.50 -30.51 -4.16
CA PRO C 266 -9.72 -31.76 -4.05
C PRO C 266 -9.15 -32.21 -5.39
N ILE C 267 -8.02 -31.59 -5.77
CA ILE C 267 -7.41 -31.90 -7.05
C ILE C 267 -6.61 -33.19 -6.97
N ARG C 268 -6.25 -33.74 -8.13
CA ARG C 268 -5.55 -35.01 -8.23
C ARG C 268 -4.79 -35.04 -9.55
N SER C 269 -3.54 -35.47 -9.50
CA SER C 269 -2.71 -35.50 -10.69
C SER C 269 -2.98 -36.75 -11.51
N THR C 270 -2.89 -36.59 -12.83
CA THR C 270 -3.07 -37.69 -13.77
C THR C 270 -1.84 -38.00 -14.61
N LYS C 271 -1.02 -36.99 -14.93
CA LYS C 271 0.22 -37.26 -15.65
C LYS C 271 1.14 -38.15 -14.84
N VAL C 272 1.33 -37.80 -13.57
CA VAL C 272 2.08 -38.61 -12.62
C VAL C 272 1.15 -38.97 -11.48
N ARG C 273 1.07 -40.27 -11.17
CA ARG C 273 0.17 -40.75 -10.13
C ARG C 273 0.72 -40.44 -8.74
N GLY C 274 -0.17 -40.41 -7.76
CA GLY C 274 0.19 -40.23 -6.38
C GLY C 274 0.39 -38.80 -5.92
N GLN C 275 0.25 -37.83 -6.81
CA GLN C 275 0.44 -36.43 -6.45
C GLN C 275 -0.90 -35.78 -6.10
N ILE C 276 -1.56 -36.35 -5.09
CA ILE C 276 -2.81 -35.78 -4.61
C ILE C 276 -2.53 -34.48 -3.85
N GLY C 277 -3.52 -33.61 -3.82
CA GLY C 277 -3.36 -32.33 -3.15
C GLY C 277 -4.66 -31.58 -3.08
N ILE C 278 -4.56 -30.34 -2.60
CA ILE C 278 -5.72 -29.47 -2.42
C ILE C 278 -5.40 -28.12 -3.07
N TYR C 279 -6.33 -27.62 -3.88
CA TYR C 279 -6.18 -26.32 -4.51
C TYR C 279 -7.11 -25.33 -3.85
N PRO C 280 -6.60 -24.36 -3.08
CA PRO C 280 -7.49 -23.46 -2.35
C PRO C 280 -7.92 -22.25 -3.16
N ILE C 281 -9.22 -22.05 -3.29
CA ILE C 281 -9.78 -20.90 -3.98
C ILE C 281 -10.23 -19.92 -2.90
N LYS C 282 -9.39 -18.93 -2.62
CA LYS C 282 -9.65 -18.00 -1.54
C LYS C 282 -10.89 -17.16 -1.81
N LEU C 283 -11.61 -16.82 -0.74
CA LEU C 283 -12.74 -15.89 -0.88
C LEU C 283 -12.26 -14.54 -1.35
N PHE C 284 -11.17 -14.03 -0.79
CA PHE C 284 -10.51 -12.84 -1.29
C PHE C 284 -9.62 -13.25 -2.46
N TYR C 285 -10.27 -13.59 -3.57
CA TYR C 285 -9.56 -14.15 -4.72
C TYR C 285 -8.51 -13.17 -5.24
N THR C 286 -8.88 -11.91 -5.36
CA THR C 286 -7.94 -10.83 -5.71
C THR C 286 -7.56 -10.14 -4.41
N SER C 287 -6.38 -10.47 -3.88
CA SER C 287 -5.95 -9.98 -2.58
C SER C 287 -5.70 -8.49 -2.67
N ASN C 288 -6.64 -7.71 -2.14
CA ASN C 288 -6.58 -6.25 -1.99
C ASN C 288 -6.37 -5.51 -3.32
N ILE C 289 -6.42 -6.23 -4.45
CA ILE C 289 -6.43 -5.54 -5.74
C ILE C 289 -7.66 -4.66 -5.91
N PRO C 290 -8.89 -5.10 -5.55
CA PRO C 290 -10.02 -4.16 -5.62
C PRO C 290 -9.81 -2.91 -4.78
N ILE C 291 -9.24 -3.06 -3.60
CA ILE C 291 -8.96 -1.90 -2.75
C ILE C 291 -7.95 -0.98 -3.42
N ILE C 292 -6.88 -1.56 -3.98
CA ILE C 292 -5.86 -0.74 -4.63
C ILE C 292 -6.46 0.02 -5.81
N LEU C 293 -7.23 -0.67 -6.64
CA LEU C 293 -7.80 -0.02 -7.83
C LEU C 293 -8.82 1.05 -7.45
N GLN C 294 -9.70 0.76 -6.49
CA GLN C 294 -10.68 1.75 -6.08
C GLN C 294 -10.01 2.95 -5.44
N SER C 295 -8.99 2.73 -4.61
CA SER C 295 -8.28 3.83 -3.99
C SER C 295 -7.55 4.67 -5.03
N ALA C 296 -6.95 4.02 -6.03
CA ALA C 296 -6.29 4.77 -7.11
C ALA C 296 -7.30 5.60 -7.89
N LEU C 297 -8.47 5.03 -8.18
CA LEU C 297 -9.51 5.78 -8.89
C LEU C 297 -9.94 7.00 -8.09
N VAL C 298 -10.21 6.81 -6.80
CA VAL C 298 -10.69 7.90 -5.96
C VAL C 298 -9.60 8.96 -5.80
N SER C 299 -8.34 8.54 -5.61
CA SER C 299 -7.26 9.50 -5.46
C SER C 299 -7.02 10.30 -6.73
N ASN C 300 -7.09 9.64 -7.90
CA ASN C 300 -6.98 10.36 -9.16
C ASN C 300 -8.10 11.37 -9.31
N LEU C 301 -9.33 10.99 -8.96
CA LEU C 301 -10.44 11.92 -9.04
C LEU C 301 -10.24 13.09 -8.10
N TYR C 302 -9.73 12.83 -6.89
CA TYR C 302 -9.49 13.91 -5.93
C TYR C 302 -8.45 14.89 -6.46
N VAL C 303 -7.34 14.37 -6.99
CA VAL C 303 -6.28 15.24 -7.48
C VAL C 303 -6.77 16.06 -8.66
N ILE C 304 -7.47 15.42 -9.60
CA ILE C 304 -7.98 16.13 -10.76
C ILE C 304 -9.00 17.18 -10.34
N SER C 305 -9.89 16.84 -9.41
CA SER C 305 -10.89 17.79 -8.97
C SER C 305 -10.26 18.99 -8.28
N GLN C 306 -9.25 18.75 -7.42
CA GLN C 306 -8.57 19.87 -6.78
C GLN C 306 -7.86 20.75 -7.80
N MET C 307 -7.19 20.15 -8.78
CA MET C 307 -6.51 20.94 -9.79
C MET C 307 -7.50 21.76 -10.61
N LEU C 308 -8.64 21.18 -10.96
CA LEU C 308 -9.63 21.88 -11.77
C LEU C 308 -10.39 22.94 -10.97
N SER C 309 -10.56 22.73 -9.67
CA SER C 309 -11.26 23.68 -8.83
C SER C 309 -10.34 24.75 -8.25
N ALA C 310 -9.03 24.61 -8.44
CA ALA C 310 -8.08 25.66 -8.08
C ALA C 310 -7.66 26.51 -9.26
N ARG C 311 -8.05 26.14 -10.48
CA ARG C 311 -7.69 26.88 -11.68
C ARG C 311 -8.89 27.25 -12.54
N PHE C 312 -9.88 26.36 -12.64
CA PHE C 312 -11.08 26.60 -13.44
C PHE C 312 -12.32 26.70 -12.55
N SER C 313 -12.16 27.24 -11.35
CA SER C 313 -13.27 27.31 -10.40
C SER C 313 -14.39 28.16 -10.94
N GLY C 314 -15.62 27.66 -10.84
CA GLY C 314 -16.82 28.35 -11.31
C GLY C 314 -17.53 27.60 -12.43
N ASN C 315 -16.81 26.79 -13.19
CA ASN C 315 -17.42 26.05 -14.28
C ASN C 315 -18.42 25.03 -13.75
N LEU C 316 -19.47 24.78 -14.54
CA LEU C 316 -20.49 23.82 -14.15
C LEU C 316 -19.90 22.42 -14.02
N LEU C 317 -19.09 22.00 -14.99
CA LEU C 317 -18.49 20.67 -14.94
C LEU C 317 -17.52 20.55 -13.77
N VAL C 318 -16.72 21.59 -13.53
CA VAL C 318 -15.77 21.55 -12.43
C VAL C 318 -16.51 21.49 -11.09
N SER C 319 -17.57 22.28 -10.94
CA SER C 319 -18.34 22.25 -9.70
C SER C 319 -19.08 20.93 -9.53
N LEU C 320 -19.46 20.28 -10.63
CA LEU C 320 -20.10 18.98 -10.56
C LEU C 320 -19.11 17.86 -10.28
N LEU C 321 -17.84 18.05 -10.59
CA LEU C 321 -16.80 17.07 -10.33
C LEU C 321 -16.43 17.00 -8.84
N GLY C 322 -17.04 17.82 -8.01
CA GLY C 322 -16.76 17.80 -6.59
C GLY C 322 -16.21 19.11 -6.06
N THR C 323 -17.03 19.82 -5.27
CA THR C 323 -16.60 21.05 -4.64
C THR C 323 -15.76 20.75 -3.41
N TRP C 324 -14.96 21.73 -3.00
CA TRP C 324 -14.03 21.56 -1.89
C TRP C 324 -14.16 22.75 -0.94
N SER C 325 -13.72 22.53 0.29
CA SER C 325 -13.76 23.56 1.32
C SER C 325 -12.87 24.74 0.95
N ALA C 335 -8.27 19.76 3.34
CA ALA C 335 -9.42 19.92 2.48
C ALA C 335 -10.20 18.61 2.35
N TYR C 336 -11.51 18.72 2.13
CA TYR C 336 -12.38 17.56 2.01
C TYR C 336 -13.59 17.96 1.19
N PRO C 337 -14.06 17.09 0.30
CA PRO C 337 -15.20 17.45 -0.56
C PRO C 337 -16.46 17.69 0.25
N VAL C 338 -17.26 18.66 -0.20
CA VAL C 338 -18.52 19.00 0.42
C VAL C 338 -19.70 18.82 -0.52
N GLY C 339 -19.46 18.44 -1.76
CA GLY C 339 -20.54 18.22 -2.72
C GLY C 339 -20.01 17.89 -4.10
N GLY C 340 -20.61 16.90 -4.74
CA GLY C 340 -20.21 16.48 -6.07
C GLY C 340 -19.82 15.01 -6.09
N LEU C 341 -19.21 14.62 -7.21
CA LEU C 341 -18.78 13.23 -7.38
C LEU C 341 -17.74 12.87 -6.33
N CYS C 342 -16.76 13.75 -6.11
CA CYS C 342 -15.74 13.49 -5.11
C CYS C 342 -16.30 13.45 -3.70
N TYR C 343 -17.46 14.07 -3.46
CA TYR C 343 -18.09 13.97 -2.15
C TYR C 343 -18.86 12.66 -2.01
N TYR C 344 -19.61 12.27 -3.03
CA TYR C 344 -20.34 11.02 -2.96
C TYR C 344 -19.42 9.80 -3.04
N LEU C 345 -18.17 10.00 -3.44
CA LEU C 345 -17.17 8.94 -3.44
C LEU C 345 -16.32 8.93 -2.17
N SER C 346 -16.61 9.82 -1.21
CA SER C 346 -15.78 10.00 -0.03
C SER C 346 -16.44 9.39 1.21
N PRO C 347 -15.66 8.81 2.12
CA PRO C 347 -16.23 8.29 3.35
C PRO C 347 -16.79 9.42 4.20
N PRO C 348 -17.86 9.18 4.95
CA PRO C 348 -18.39 10.20 5.83
C PRO C 348 -17.44 10.48 7.00
N GLU C 349 -17.49 11.71 7.50
CA GLU C 349 -16.63 12.10 8.61
C GLU C 349 -16.92 11.28 9.87
N SER C 350 -18.19 11.10 10.20
CA SER C 350 -18.57 10.39 11.41
C SER C 350 -19.98 9.87 11.26
N PHE C 351 -20.44 9.15 12.29
CA PHE C 351 -21.79 8.61 12.29
C PHE C 351 -22.83 9.74 12.28
N GLY C 352 -22.49 10.88 12.87
CA GLY C 352 -23.38 12.03 12.79
C GLY C 352 -23.59 12.49 11.35
N SER C 353 -22.53 12.44 10.54
CA SER C 353 -22.68 12.74 9.12
C SER C 353 -23.54 11.71 8.43
N VAL C 354 -23.46 10.44 8.84
CA VAL C 354 -24.31 9.41 8.27
C VAL C 354 -25.78 9.70 8.58
N LEU C 355 -26.09 10.08 9.82
CA LEU C 355 -27.47 10.39 10.17
C LEU C 355 -27.95 11.68 9.53
N GLU C 356 -27.05 12.65 9.31
CA GLU C 356 -27.44 13.91 8.72
C GLU C 356 -27.84 13.75 7.26
N ASP C 357 -27.06 13.00 6.49
CA ASP C 357 -27.30 12.79 5.07
C ASP C 357 -27.29 11.29 4.78
N PRO C 358 -28.41 10.59 5.03
CA PRO C 358 -28.43 9.15 4.71
C PRO C 358 -28.19 8.85 3.25
N VAL C 359 -28.64 9.73 2.35
CA VAL C 359 -28.51 9.47 0.91
C VAL C 359 -27.05 9.36 0.51
N HIS C 360 -26.20 10.25 1.02
CA HIS C 360 -24.78 10.16 0.71
C HIS C 360 -24.18 8.87 1.23
N ALA C 361 -24.57 8.44 2.43
CA ALA C 361 -24.05 7.19 2.96
C ALA C 361 -24.47 6.01 2.10
N VAL C 362 -25.72 5.98 1.65
CA VAL C 362 -26.19 4.90 0.79
C VAL C 362 -25.42 4.90 -0.53
N VAL C 363 -25.23 6.08 -1.13
CA VAL C 363 -24.53 6.17 -2.39
C VAL C 363 -23.08 5.72 -2.23
N TYR C 364 -22.43 6.12 -1.13
CA TYR C 364 -21.06 5.71 -0.88
C TYR C 364 -20.95 4.20 -0.68
N ILE C 365 -21.89 3.61 0.05
CA ILE C 365 -21.87 2.16 0.28
C ILE C 365 -22.04 1.42 -1.04
N VAL C 366 -23.01 1.86 -1.84
CA VAL C 366 -23.26 1.21 -3.12
C VAL C 366 -22.04 1.35 -4.03
N PHE C 367 -21.45 2.54 -4.08
CA PHE C 367 -20.27 2.75 -4.89
C PHE C 367 -19.13 1.85 -4.45
N MET C 368 -18.89 1.77 -3.13
CA MET C 368 -17.80 0.94 -2.63
C MET C 368 -18.00 -0.52 -3.01
N LEU C 369 -19.18 -1.07 -2.72
CA LEU C 369 -19.44 -2.48 -3.00
C LEU C 369 -19.37 -2.76 -4.49
N GLY C 370 -20.05 -1.95 -5.30
CA GLY C 370 -20.07 -2.21 -6.73
C GLY C 370 -18.70 -2.05 -7.37
N SER C 371 -17.97 -0.99 -7.00
CA SER C 371 -16.64 -0.79 -7.56
C SER C 371 -15.70 -1.91 -7.17
N CYS C 372 -15.73 -2.34 -5.91
CA CYS C 372 -14.85 -3.43 -5.50
C CYS C 372 -15.18 -4.73 -6.22
N ALA C 373 -16.47 -5.05 -6.36
CA ALA C 373 -16.84 -6.28 -7.06
C ALA C 373 -16.45 -6.23 -8.53
N PHE C 374 -16.74 -5.10 -9.20
CA PHE C 374 -16.40 -4.95 -10.60
C PHE C 374 -14.90 -5.00 -10.81
N PHE C 375 -14.14 -4.34 -9.94
CA PHE C 375 -12.68 -4.36 -10.07
C PHE C 375 -12.14 -5.77 -9.84
N SER C 376 -12.73 -6.53 -8.92
CA SER C 376 -12.27 -7.89 -8.68
C SER C 376 -12.50 -8.77 -9.92
N LYS C 377 -13.71 -8.75 -10.47
CA LYS C 377 -13.97 -9.61 -11.63
C LYS C 377 -13.16 -9.18 -12.84
N THR C 378 -13.08 -7.86 -13.10
CA THR C 378 -12.25 -7.41 -14.21
C THR C 378 -10.79 -7.72 -13.99
N TRP C 379 -10.33 -7.74 -12.73
CA TRP C 379 -8.94 -8.07 -12.49
C TRP C 379 -8.66 -9.54 -12.75
N ILE C 380 -9.59 -10.43 -12.39
CA ILE C 380 -9.34 -11.83 -12.73
C ILE C 380 -9.30 -11.98 -14.25
N GLU C 381 -10.21 -11.30 -14.96
CA GLU C 381 -10.21 -11.39 -16.42
C GLU C 381 -8.94 -10.82 -17.03
N VAL C 382 -8.36 -9.78 -16.40
CA VAL C 382 -7.18 -9.14 -16.97
C VAL C 382 -5.92 -9.92 -16.64
N SER C 383 -5.68 -10.17 -15.36
CA SER C 383 -4.46 -10.83 -14.90
C SER C 383 -4.45 -12.33 -15.19
N GLY C 384 -5.57 -12.89 -15.64
CA GLY C 384 -5.54 -14.30 -15.98
C GLY C 384 -5.54 -15.18 -14.75
N SER C 385 -6.56 -15.01 -13.91
CA SER C 385 -6.90 -15.98 -12.89
C SER C 385 -8.33 -16.47 -13.08
N SER C 386 -8.87 -16.27 -14.28
CA SER C 386 -10.23 -16.63 -14.60
C SER C 386 -10.38 -18.15 -14.63
N PRO C 387 -11.61 -18.66 -14.62
CA PRO C 387 -11.79 -20.11 -14.72
C PRO C 387 -11.13 -20.72 -15.95
N ARG C 388 -11.08 -19.99 -17.06
CA ARG C 388 -10.45 -20.53 -18.26
C ARG C 388 -8.95 -20.71 -18.07
N ASP C 389 -8.28 -19.73 -17.47
CA ASP C 389 -6.84 -19.86 -17.26
C ASP C 389 -6.52 -20.97 -16.26
N ILE C 390 -7.31 -21.07 -15.19
CA ILE C 390 -7.07 -22.11 -14.21
C ILE C 390 -7.34 -23.49 -14.81
N ALA C 391 -8.36 -23.59 -15.67
CA ALA C 391 -8.61 -24.84 -16.37
C ALA C 391 -7.46 -25.19 -17.30
N LYS C 392 -6.89 -24.19 -17.99
CA LYS C 392 -5.73 -24.45 -18.84
C LYS C 392 -4.54 -24.92 -18.03
N GLN C 393 -4.32 -24.32 -16.85
CA GLN C 393 -3.25 -24.78 -15.97
C GLN C 393 -3.51 -26.20 -15.50
N PHE C 394 -4.76 -26.52 -15.16
CA PHE C 394 -5.11 -27.88 -14.76
C PHE C 394 -4.82 -28.87 -15.87
N LYS C 395 -5.13 -28.49 -17.11
CA LYS C 395 -4.82 -29.34 -18.26
C LYS C 395 -3.31 -29.50 -18.43
N ASP C 396 -2.55 -28.43 -18.19
CA ASP C 396 -1.10 -28.49 -18.36
C ASP C 396 -0.46 -29.44 -17.35
N GLN C 397 -0.65 -29.18 -16.06
CA GLN C 397 -0.11 -30.06 -15.04
C GLN C 397 -0.81 -31.41 -14.97
N GLY C 398 -1.91 -31.58 -15.69
CA GLY C 398 -2.63 -32.84 -15.66
C GLY C 398 -3.46 -33.05 -14.41
N MET C 399 -3.70 -32.00 -13.63
CA MET C 399 -4.48 -32.11 -12.41
C MET C 399 -5.97 -32.18 -12.75
N VAL C 400 -6.68 -33.05 -12.03
CA VAL C 400 -8.12 -33.15 -12.13
C VAL C 400 -8.70 -33.19 -10.73
N ILE C 401 -9.96 -32.79 -10.61
CA ILE C 401 -10.66 -32.85 -9.34
C ILE C 401 -11.03 -34.30 -9.05
N ASN C 402 -10.98 -34.69 -7.77
CA ASN C 402 -11.16 -36.08 -7.39
C ASN C 402 -12.48 -36.65 -7.90
N GLY C 403 -13.59 -35.97 -7.62
CA GLY C 403 -14.89 -36.52 -7.94
C GLY C 403 -15.51 -35.99 -9.22
N LYS C 404 -14.68 -35.43 -10.09
CA LYS C 404 -15.16 -34.83 -11.34
C LYS C 404 -14.33 -35.33 -12.50
N ARG C 405 -14.93 -35.28 -13.69
CA ARG C 405 -14.28 -35.76 -14.90
C ARG C 405 -13.20 -34.78 -15.35
N GLU C 406 -12.54 -35.11 -16.46
CA GLU C 406 -11.51 -34.26 -17.04
C GLU C 406 -12.06 -33.19 -17.96
N THR C 407 -13.36 -33.24 -18.27
CA THR C 407 -13.99 -32.23 -19.10
C THR C 407 -14.77 -31.20 -18.29
N SER C 408 -15.19 -31.54 -17.08
CA SER C 408 -15.91 -30.62 -16.21
C SER C 408 -14.97 -29.77 -15.35
N ILE C 409 -13.68 -29.75 -15.68
CA ILE C 409 -12.75 -28.92 -14.91
C ILE C 409 -13.11 -27.45 -15.06
N TYR C 410 -13.41 -27.00 -16.28
CA TYR C 410 -13.79 -25.61 -16.47
C TYR C 410 -15.14 -25.30 -15.86
N ARG C 411 -16.08 -26.24 -15.93
CA ARG C 411 -17.42 -25.99 -15.42
C ARG C 411 -17.41 -25.72 -13.92
N GLU C 412 -16.70 -26.56 -13.16
CA GLU C 412 -16.62 -26.32 -11.72
C GLU C 412 -15.87 -25.03 -11.42
N LEU C 413 -14.79 -24.75 -12.14
CA LEU C 413 -14.11 -23.49 -11.94
C LEU C 413 -15.00 -22.32 -12.31
N LYS C 414 -15.82 -22.48 -13.36
CA LYS C 414 -16.80 -21.46 -13.68
C LYS C 414 -17.83 -21.28 -12.56
N LYS C 415 -18.11 -22.34 -11.81
CA LYS C 415 -19.07 -22.23 -10.71
C LYS C 415 -18.48 -21.49 -9.52
N ILE C 416 -17.23 -21.81 -9.16
CA ILE C 416 -16.63 -21.21 -7.96
C ILE C 416 -15.97 -19.87 -8.28
N ILE C 417 -14.98 -19.87 -9.17
CA ILE C 417 -14.04 -18.74 -9.23
C ILE C 417 -14.72 -17.40 -9.54
N PRO C 418 -15.62 -17.28 -10.51
CA PRO C 418 -16.23 -15.95 -10.75
C PRO C 418 -17.02 -15.45 -9.56
N THR C 419 -17.85 -16.30 -8.97
CA THR C 419 -18.58 -15.93 -7.77
C THR C 419 -17.64 -15.61 -6.62
N ALA C 420 -16.56 -16.39 -6.49
CA ALA C 420 -15.59 -16.14 -5.43
C ALA C 420 -14.96 -14.76 -5.60
N ALA C 421 -14.60 -14.39 -6.83
CA ALA C 421 -13.97 -13.10 -7.07
C ALA C 421 -14.95 -11.95 -6.80
N ALA C 422 -16.17 -12.07 -7.35
CA ALA C 422 -17.15 -11.00 -7.16
C ALA C 422 -17.51 -10.83 -5.70
N PHE C 423 -17.75 -11.93 -4.98
CA PHE C 423 -18.12 -11.83 -3.58
C PHE C 423 -16.94 -11.45 -2.69
N GLY C 424 -15.72 -11.81 -3.08
CA GLY C 424 -14.57 -11.32 -2.35
C GLY C 424 -14.39 -9.83 -2.48
N GLY C 425 -14.60 -9.30 -3.70
CA GLY C 425 -14.62 -7.86 -3.86
C GLY C 425 -15.73 -7.21 -3.05
N LEU C 426 -16.92 -7.80 -3.05
CA LEU C 426 -18.03 -7.26 -2.28
C LEU C 426 -17.69 -7.22 -0.80
N CYS C 427 -17.12 -8.32 -0.28
CA CYS C 427 -16.80 -8.40 1.14
C CYS C 427 -15.66 -7.46 1.51
N ILE C 428 -14.65 -7.33 0.67
CA ILE C 428 -13.54 -6.44 1.00
C ILE C 428 -14.00 -4.99 0.98
N GLY C 429 -14.88 -4.64 0.04
CA GLY C 429 -15.49 -3.32 0.05
C GLY C 429 -16.36 -3.09 1.27
N ALA C 430 -17.11 -4.11 1.69
CA ALA C 430 -17.94 -4.00 2.88
C ALA C 430 -17.08 -3.81 4.12
N LEU C 431 -15.95 -4.52 4.20
CA LEU C 431 -15.05 -4.34 5.33
C LEU C 431 -14.44 -2.94 5.33
N SER C 432 -14.10 -2.42 4.15
CA SER C 432 -13.60 -1.04 4.09
C SER C 432 -14.66 -0.05 4.53
N VAL C 433 -15.91 -0.27 4.12
CA VAL C 433 -17.00 0.60 4.55
C VAL C 433 -17.19 0.52 6.06
N LEU C 434 -17.13 -0.68 6.62
CA LEU C 434 -17.28 -0.86 8.05
C LEU C 434 -16.16 -0.15 8.82
N ALA C 435 -14.93 -0.26 8.31
CA ALA C 435 -13.81 0.43 8.96
C ALA C 435 -13.99 1.94 8.88
N ASP C 436 -14.46 2.45 7.75
CA ASP C 436 -14.67 3.89 7.62
C ASP C 436 -15.77 4.38 8.56
N PHE C 437 -16.87 3.62 8.66
CA PHE C 437 -17.95 4.02 9.55
C PHE C 437 -17.55 4.00 11.01
N LEU C 438 -16.81 2.96 11.42
CA LEU C 438 -16.36 2.86 12.81
C LEU C 438 -15.29 3.89 13.14
N GLY C 439 -14.75 4.58 12.14
CA GLY C 439 -13.70 5.55 12.39
C GLY C 439 -12.42 4.94 12.88
N ALA C 440 -12.05 3.78 12.35
CA ALA C 440 -10.82 3.12 12.79
C ALA C 440 -9.60 3.93 12.38
N ILE C 441 -8.51 3.78 13.14
CA ILE C 441 -7.28 4.48 12.78
C ILE C 441 -6.69 3.77 11.57
N GLY C 442 -6.27 4.54 10.57
CA GLY C 442 -5.68 3.95 9.39
C GLY C 442 -6.62 3.87 8.21
N SER C 443 -7.90 4.16 8.43
CA SER C 443 -8.89 4.14 7.36
C SER C 443 -9.19 2.74 6.90
N GLY C 444 -10.26 2.57 6.13
CA GLY C 444 -10.59 1.26 5.62
C GLY C 444 -9.59 0.79 4.62
N THR C 445 -9.22 1.65 3.68
CA THR C 445 -8.24 1.29 2.68
C THR C 445 -6.94 0.91 3.35
N GLY C 446 -6.42 1.80 4.17
CA GLY C 446 -5.16 1.55 4.83
C GLY C 446 -5.14 0.26 5.62
N ILE C 447 -6.20 0.04 6.42
CA ILE C 447 -6.26 -1.19 7.22
C ILE C 447 -6.31 -2.41 6.33
N LEU C 448 -7.16 -2.38 5.29
CA LEU C 448 -7.26 -3.53 4.40
C LEU C 448 -5.94 -3.82 3.71
N LEU C 449 -5.28 -2.78 3.20
CA LEU C 449 -4.00 -2.98 2.53
C LEU C 449 -2.97 -3.57 3.48
N ALA C 450 -2.86 -2.99 4.68
CA ALA C 450 -1.86 -3.46 5.63
C ALA C 450 -2.10 -4.91 6.01
N VAL C 451 -3.33 -5.27 6.36
CA VAL C 451 -3.60 -6.62 6.82
C VAL C 451 -3.44 -7.62 5.68
N THR C 452 -3.84 -7.26 4.46
CA THR C 452 -3.67 -8.18 3.34
C THR C 452 -2.20 -8.40 3.01
N ILE C 453 -1.38 -7.35 3.08
CA ILE C 453 0.04 -7.52 2.83
C ILE C 453 0.70 -8.38 3.90
N ILE C 454 0.34 -8.16 5.17
CA ILE C 454 0.88 -8.99 6.23
C ILE C 454 0.45 -10.44 6.06
N TYR C 455 -0.78 -10.66 5.58
CA TYR C 455 -1.21 -12.02 5.31
C TYR C 455 -0.47 -12.62 4.15
N GLN C 456 -0.07 -11.81 3.16
CA GLN C 456 0.77 -12.34 2.09
C GLN C 456 2.11 -12.81 2.64
N TYR C 457 2.68 -12.04 3.57
CA TYR C 457 3.92 -12.50 4.22
C TYR C 457 3.70 -13.77 5.02
N PHE C 458 2.55 -13.87 5.69
CA PHE C 458 2.22 -15.08 6.43
C PHE C 458 2.08 -16.28 5.50
N GLU C 459 1.48 -16.07 4.33
CA GLU C 459 1.38 -17.14 3.33
C GLU C 459 2.76 -17.57 2.86
N ILE C 460 3.65 -16.62 2.62
CA ILE C 460 5.02 -16.97 2.24
C ILE C 460 5.68 -17.81 3.34
N PHE C 461 5.48 -17.41 4.59
CA PHE C 461 6.06 -18.15 5.71
C PHE C 461 5.53 -19.58 5.76
N VAL C 462 4.21 -19.74 5.65
CA VAL C 462 3.64 -21.08 5.78
C VAL C 462 4.02 -21.94 4.59
N LYS C 463 4.11 -21.36 3.39
CA LYS C 463 4.57 -22.12 2.23
C LYS C 463 6.00 -22.61 2.43
N GLU C 464 6.89 -21.73 2.91
CA GLU C 464 8.27 -22.13 3.16
C GLU C 464 8.34 -23.20 4.24
N GLN C 465 7.55 -23.05 5.30
CA GLN C 465 7.56 -24.04 6.37
C GLN C 465 7.07 -25.39 5.89
N SER C 466 6.01 -25.40 5.07
CA SER C 466 5.53 -26.66 4.51
C SER C 466 6.57 -27.29 3.60
N GLU C 467 7.26 -26.48 2.80
CA GLU C 467 8.33 -27.03 1.96
C GLU C 467 9.47 -27.57 2.81
N VAL C 468 9.81 -26.88 3.89
CA VAL C 468 10.84 -27.35 4.80
C VAL C 468 10.38 -28.61 5.54
N LEU D 3 -2.11 7.81 -10.41
CA LEU D 3 -1.99 6.37 -10.33
C LEU D 3 -2.39 5.78 -11.70
N LEU D 5 0.88 6.76 -14.01
CA LEU D 5 1.67 7.17 -15.19
C LEU D 5 2.85 8.00 -14.67
#